data_1LOI
#
_entry.id   1LOI
#
_cell.length_a   1.000
_cell.length_b   1.000
_cell.length_c   1.000
_cell.angle_alpha   90.00
_cell.angle_beta   90.00
_cell.angle_gamma   90.00
#
_symmetry.space_group_name_H-M   'P 1'
#
_entity_poly.entity_id   1
_entity_poly.type   'polypeptide(L)'
_entity_poly.pdbx_seq_one_letter_code
;MPLVDFFCETCSKPWLVGWWDQFKR(NH2)
;
_entity_poly.pdbx_strand_id   A
#
# COMPACT_ATOMS: atom_id res chain seq x y z
N MET A 1 -10.52 -15.20 7.74
CA MET A 1 -10.51 -14.04 6.80
C MET A 1 -9.45 -14.28 5.72
N PRO A 2 -9.88 -14.83 4.62
CA PRO A 2 -9.02 -15.14 3.48
C PRO A 2 -8.81 -13.91 2.59
N LEU A 3 -9.84 -13.49 1.91
CA LEU A 3 -9.71 -12.31 1.01
C LEU A 3 -9.49 -11.05 1.84
N VAL A 4 -10.04 -11.01 3.02
CA VAL A 4 -9.86 -9.79 3.87
C VAL A 4 -8.39 -9.67 4.28
N ASP A 5 -7.65 -10.73 4.17
CA ASP A 5 -6.21 -10.66 4.55
C ASP A 5 -5.42 -9.98 3.44
N PHE A 6 -5.71 -10.31 2.21
CA PHE A 6 -4.99 -9.68 1.07
C PHE A 6 -5.59 -8.30 0.78
N PHE A 7 -6.79 -8.06 1.22
CA PHE A 7 -7.43 -6.74 0.98
C PHE A 7 -6.67 -5.65 1.73
N CYS A 8 -6.53 -5.79 3.02
CA CYS A 8 -5.77 -4.76 3.80
C CYS A 8 -4.30 -4.78 3.39
N GLU A 9 -3.82 -5.90 2.93
CA GLU A 9 -2.40 -5.98 2.50
C GLU A 9 -2.07 -4.75 1.66
N THR A 10 -2.79 -4.54 0.59
CA THR A 10 -2.52 -3.36 -0.28
C THR A 10 -3.84 -2.81 -0.83
N CYS A 11 -4.49 -1.95 -0.09
CA CYS A 11 -5.80 -1.40 -0.59
C CYS A 11 -6.04 0.04 -0.13
N SER A 12 -6.85 0.23 0.89
CA SER A 12 -7.17 1.60 1.37
C SER A 12 -6.03 2.20 2.19
N LYS A 13 -4.83 1.69 2.05
CA LYS A 13 -3.72 2.30 2.87
C LYS A 13 -2.65 3.01 2.01
N PRO A 14 -3.08 3.81 1.07
CA PRO A 14 -2.18 4.60 0.20
C PRO A 14 -1.54 5.74 1.00
N TRP A 15 -1.91 5.88 2.24
CA TRP A 15 -1.32 6.95 3.09
C TRP A 15 -0.13 6.36 3.84
N LEU A 16 -0.16 5.07 4.07
CA LEU A 16 0.96 4.41 4.80
C LEU A 16 2.15 4.28 3.87
N VAL A 17 1.91 4.25 2.60
CA VAL A 17 3.03 4.10 1.64
C VAL A 17 4.03 5.23 1.84
N GLY A 18 3.62 6.26 2.53
CA GLY A 18 4.55 7.40 2.77
C GLY A 18 5.70 6.94 3.67
N TRP A 19 5.41 6.35 4.79
CA TRP A 19 6.54 5.89 5.65
C TRP A 19 7.01 4.51 5.20
N TRP A 20 6.61 4.09 4.02
CA TRP A 20 7.07 2.78 3.50
C TRP A 20 8.38 3.02 2.75
N ASP A 21 8.46 4.14 2.09
CA ASP A 21 9.69 4.47 1.32
C ASP A 21 10.92 4.18 2.19
N GLN A 22 10.95 4.68 3.39
CA GLN A 22 12.13 4.43 4.28
C GLN A 22 12.22 2.94 4.61
N PHE A 23 11.10 2.27 4.69
CA PHE A 23 11.13 0.81 5.01
C PHE A 23 11.98 0.05 3.99
N LYS A 24 12.33 0.67 2.89
CA LYS A 24 13.15 -0.05 1.87
C LYS A 24 14.34 -0.75 2.52
N ARG A 25 14.70 -0.37 3.71
CA ARG A 25 15.85 -1.04 4.39
C ARG A 25 15.31 -2.00 5.45
N MET A 1 6.38 -14.88 -4.95
CA MET A 1 5.67 -14.93 -6.27
C MET A 1 5.41 -13.50 -6.75
N PRO A 2 5.28 -13.35 -8.05
CA PRO A 2 5.04 -12.05 -8.69
C PRO A 2 3.57 -11.64 -8.53
N LEU A 3 2.66 -12.56 -8.69
CA LEU A 3 1.22 -12.22 -8.55
C LEU A 3 0.93 -11.80 -7.11
N VAL A 4 1.77 -12.20 -6.20
CA VAL A 4 1.56 -11.82 -4.78
C VAL A 4 2.08 -10.39 -4.56
N ASP A 5 2.95 -9.94 -5.42
CA ASP A 5 3.50 -8.57 -5.28
C ASP A 5 2.38 -7.56 -5.57
N PHE A 6 1.45 -7.93 -6.41
CA PHE A 6 0.32 -6.99 -6.72
C PHE A 6 -0.67 -6.98 -5.56
N PHE A 7 -0.68 -8.02 -4.77
CA PHE A 7 -1.62 -8.07 -3.61
C PHE A 7 -1.08 -7.20 -2.47
N CYS A 8 0.19 -6.90 -2.50
CA CYS A 8 0.78 -6.07 -1.43
C CYS A 8 0.64 -4.59 -1.80
N GLU A 9 0.50 -4.29 -3.06
CA GLU A 9 0.35 -2.87 -3.48
C GLU A 9 -1.12 -2.47 -3.31
N THR A 10 -2.00 -3.42 -3.30
CA THR A 10 -3.44 -3.11 -3.15
C THR A 10 -3.89 -3.48 -1.75
N CYS A 11 -3.01 -3.35 -0.81
CA CYS A 11 -3.35 -3.68 0.60
C CYS A 11 -4.46 -2.74 1.09
N SER A 12 -4.17 -1.88 2.03
CA SER A 12 -5.22 -0.95 2.53
C SER A 12 -4.58 0.33 3.10
N LYS A 13 -3.32 0.56 2.84
CA LYS A 13 -2.67 1.79 3.37
C LYS A 13 -2.00 2.54 2.23
N PRO A 14 -2.80 3.11 1.38
CA PRO A 14 -2.30 3.89 0.25
C PRO A 14 -1.83 5.25 0.75
N TRP A 15 -2.11 5.57 1.98
CA TRP A 15 -1.67 6.86 2.55
C TRP A 15 -0.45 6.62 3.44
N LEU A 16 -0.37 5.47 4.07
CA LEU A 16 0.79 5.18 4.94
C LEU A 16 2.03 4.94 4.07
N VAL A 17 1.88 4.95 2.78
CA VAL A 17 3.04 4.70 1.90
C VAL A 17 4.17 5.68 2.25
N GLY A 18 3.87 6.71 2.98
CA GLY A 18 4.91 7.71 3.34
C GLY A 18 6.09 7.02 4.03
N TRP A 19 5.95 6.57 5.25
CA TRP A 19 7.12 5.92 5.90
C TRP A 19 7.44 4.58 5.24
N TRP A 20 6.64 4.17 4.28
CA TRP A 20 6.96 2.89 3.59
C TRP A 20 8.25 3.09 2.80
N ASP A 21 8.46 4.29 2.33
CA ASP A 21 9.70 4.59 1.55
C ASP A 21 10.92 4.06 2.31
N GLN A 22 11.17 4.56 3.49
CA GLN A 22 12.36 4.08 4.25
C GLN A 22 12.26 2.56 4.44
N PHE A 23 11.07 2.02 4.34
CA PHE A 23 10.90 0.55 4.53
C PHE A 23 11.26 -0.21 3.25
N LYS A 24 11.14 0.41 2.10
CA LYS A 24 11.46 -0.32 0.83
C LYS A 24 12.76 -1.10 0.99
N ARG A 25 13.59 -0.69 1.91
CA ARG A 25 14.88 -1.41 2.13
C ARG A 25 14.90 -1.98 3.55
N MET A 1 -13.69 11.41 -7.47
CA MET A 1 -12.65 11.61 -8.51
C MET A 1 -12.63 10.42 -9.47
N PRO A 2 -12.15 10.66 -10.65
CA PRO A 2 -12.07 9.62 -11.70
C PRO A 2 -10.86 8.71 -11.45
N LEU A 3 -9.67 9.20 -11.71
CA LEU A 3 -8.46 8.37 -11.50
C LEU A 3 -8.20 8.20 -10.01
N VAL A 4 -8.32 9.24 -9.24
CA VAL A 4 -8.09 9.13 -7.78
C VAL A 4 -8.93 7.98 -7.22
N ASP A 5 -10.09 7.76 -7.79
CA ASP A 5 -10.96 6.66 -7.31
C ASP A 5 -10.20 5.33 -7.40
N PHE A 6 -9.63 5.05 -8.55
CA PHE A 6 -8.88 3.78 -8.70
C PHE A 6 -7.64 3.81 -7.81
N PHE A 7 -7.24 4.97 -7.39
CA PHE A 7 -6.04 5.08 -6.51
C PHE A 7 -6.35 4.46 -5.15
N CYS A 8 -7.52 4.72 -4.64
CA CYS A 8 -7.89 4.15 -3.31
C CYS A 8 -8.86 2.98 -3.49
N GLU A 9 -9.17 2.63 -4.71
CA GLU A 9 -10.12 1.51 -4.94
C GLU A 9 -9.37 0.17 -4.85
N THR A 10 -8.16 0.12 -5.33
CA THR A 10 -7.39 -1.16 -5.27
C THR A 10 -6.37 -1.10 -4.15
N CYS A 11 -6.68 -0.42 -3.07
CA CYS A 11 -5.72 -0.34 -1.94
C CYS A 11 -6.49 -0.19 -0.63
N SER A 12 -5.85 -0.47 0.47
CA SER A 12 -6.54 -0.35 1.80
C SER A 12 -5.79 0.67 2.67
N LYS A 13 -4.69 1.18 2.20
CA LYS A 13 -3.94 2.19 3.00
C LYS A 13 -2.85 2.84 2.12
N PRO A 14 -3.33 3.60 1.18
CA PRO A 14 -2.46 4.31 0.22
C PRO A 14 -1.79 5.52 0.89
N TRP A 15 -2.02 5.72 2.15
CA TRP A 15 -1.37 6.87 2.85
C TRP A 15 -0.13 6.36 3.59
N LEU A 16 -0.19 5.14 4.07
CA LEU A 16 0.97 4.58 4.82
C LEU A 16 2.16 4.42 3.89
N VAL A 17 1.95 4.52 2.61
CA VAL A 17 3.08 4.37 1.66
C VAL A 17 4.12 5.45 1.92
N GLY A 18 3.77 6.44 2.71
CA GLY A 18 4.73 7.53 3.02
C GLY A 18 5.90 6.98 3.84
N TRP A 19 5.64 6.35 4.95
CA TRP A 19 6.80 5.82 5.74
C TRP A 19 7.22 4.45 5.18
N TRP A 20 6.72 4.10 4.02
CA TRP A 20 7.13 2.81 3.39
C TRP A 20 8.44 3.07 2.65
N ASP A 21 8.56 4.24 2.09
CA ASP A 21 9.79 4.59 1.34
C ASP A 21 11.03 4.26 2.19
N GLN A 22 10.93 4.45 3.47
CA GLN A 22 12.09 4.14 4.35
C GLN A 22 12.00 2.68 4.82
N PHE A 23 10.82 2.11 4.80
CA PHE A 23 10.68 0.70 5.23
C PHE A 23 11.41 -0.22 4.25
N LYS A 24 11.38 0.10 2.98
CA LYS A 24 12.06 -0.76 1.97
C LYS A 24 13.38 -1.27 2.54
N ARG A 25 13.97 -0.52 3.42
CA ARG A 25 15.23 -0.93 4.05
C ARG A 25 15.00 -1.00 5.56
N MET A 1 -20.32 -1.51 2.13
CA MET A 1 -20.15 -0.57 0.99
C MET A 1 -19.13 -1.15 0.01
N PRO A 2 -19.20 -0.69 -1.22
CA PRO A 2 -18.30 -1.14 -2.29
C PRO A 2 -16.95 -0.45 -2.18
N LEU A 3 -16.94 0.77 -1.73
CA LEU A 3 -15.65 1.51 -1.58
C LEU A 3 -14.77 0.77 -0.58
N VAL A 4 -15.36 0.22 0.44
CA VAL A 4 -14.55 -0.51 1.45
C VAL A 4 -13.89 -1.71 0.77
N ASP A 5 -14.56 -2.30 -0.20
CA ASP A 5 -13.96 -3.45 -0.92
C ASP A 5 -12.55 -3.08 -1.38
N PHE A 6 -12.40 -1.94 -1.99
CA PHE A 6 -11.07 -1.51 -2.47
C PHE A 6 -10.22 -1.09 -1.26
N PHE A 7 -10.85 -0.50 -0.27
CA PHE A 7 -10.12 -0.05 0.95
C PHE A 7 -9.01 -1.05 1.30
N CYS A 8 -9.24 -2.30 1.04
CA CYS A 8 -8.20 -3.33 1.35
C CYS A 8 -8.06 -4.32 0.20
N GLU A 9 -8.89 -4.21 -0.82
CA GLU A 9 -8.76 -5.15 -1.95
C GLU A 9 -7.31 -5.14 -2.41
N THR A 10 -6.74 -3.98 -2.54
CA THR A 10 -5.31 -3.89 -2.94
C THR A 10 -4.47 -3.77 -1.68
N CYS A 11 -4.78 -2.80 -0.88
CA CYS A 11 -4.03 -2.60 0.40
C CYS A 11 -4.94 -1.82 1.37
N SER A 12 -4.58 -1.76 2.63
CA SER A 12 -5.44 -1.02 3.61
C SER A 12 -4.78 0.29 4.04
N LYS A 13 -3.62 0.59 3.53
CA LYS A 13 -2.94 1.85 3.93
C LYS A 13 -2.23 2.47 2.72
N PRO A 14 -3.01 3.02 1.82
CA PRO A 14 -2.47 3.66 0.62
C PRO A 14 -1.90 5.04 0.97
N TRP A 15 -2.09 5.47 2.19
CA TRP A 15 -1.55 6.79 2.61
C TRP A 15 -0.27 6.55 3.40
N LEU A 16 -0.17 5.39 4.01
CA LEU A 16 1.05 5.08 4.80
C LEU A 16 2.24 4.88 3.87
N VAL A 17 2.01 4.91 2.60
CA VAL A 17 3.15 4.72 1.65
C VAL A 17 4.27 5.69 2.01
N GLY A 18 3.96 6.73 2.73
CA GLY A 18 5.00 7.72 3.11
C GLY A 18 6.14 7.05 3.88
N TRP A 19 5.88 6.49 5.04
CA TRP A 19 7.02 5.86 5.76
C TRP A 19 7.36 4.51 5.13
N TRP A 20 6.71 4.16 4.05
CA TRP A 20 7.05 2.87 3.37
C TRP A 20 8.40 3.07 2.68
N ASP A 21 8.61 4.25 2.15
CA ASP A 21 9.90 4.53 1.46
C ASP A 21 11.07 4.05 2.33
N GLN A 22 11.08 4.43 3.58
CA GLN A 22 12.18 4.00 4.47
C GLN A 22 12.00 2.52 4.82
N PHE A 23 10.79 2.03 4.75
CA PHE A 23 10.54 0.60 5.07
C PHE A 23 11.09 -0.27 3.95
N LYS A 24 11.47 0.32 2.85
CA LYS A 24 12.02 -0.49 1.72
C LYS A 24 13.09 -1.46 2.23
N ARG A 25 13.64 -1.18 3.37
CA ARG A 25 14.68 -2.07 3.94
C ARG A 25 14.08 -2.90 5.08
N MET A 1 -5.32 -17.55 0.39
CA MET A 1 -6.80 -17.59 0.45
C MET A 1 -7.38 -16.78 -0.71
N PRO A 2 -8.65 -16.99 -0.96
CA PRO A 2 -9.38 -16.30 -2.03
C PRO A 2 -9.75 -14.89 -1.60
N LEU A 3 -10.01 -14.71 -0.34
CA LEU A 3 -10.37 -13.36 0.16
C LEU A 3 -9.18 -12.42 0.01
N VAL A 4 -8.00 -12.94 0.16
CA VAL A 4 -6.78 -12.09 0.01
C VAL A 4 -6.79 -11.42 -1.36
N ASP A 5 -7.57 -11.93 -2.27
CA ASP A 5 -7.62 -11.33 -3.63
C ASP A 5 -8.25 -9.94 -3.54
N PHE A 6 -9.29 -9.79 -2.78
CA PHE A 6 -9.95 -8.47 -2.64
C PHE A 6 -9.05 -7.54 -1.84
N PHE A 7 -8.27 -8.08 -0.94
CA PHE A 7 -7.36 -7.23 -0.12
C PHE A 7 -6.51 -6.35 -1.04
N CYS A 8 -5.70 -6.96 -1.87
CA CYS A 8 -4.85 -6.18 -2.78
C CYS A 8 -5.72 -5.42 -3.78
N GLU A 9 -6.79 -6.01 -4.21
CA GLU A 9 -7.67 -5.32 -5.19
C GLU A 9 -7.88 -3.87 -4.75
N THR A 10 -8.45 -3.66 -3.59
CA THR A 10 -8.68 -2.27 -3.10
C THR A 10 -8.19 -2.16 -1.66
N CYS A 11 -6.90 -2.10 -1.46
CA CYS A 11 -6.36 -1.99 -0.07
C CYS A 11 -7.02 -0.81 0.64
N SER A 12 -6.60 -0.53 1.86
CA SER A 12 -7.21 0.61 2.60
C SER A 12 -6.13 1.42 3.31
N LYS A 13 -4.93 1.42 2.80
CA LYS A 13 -3.87 2.19 3.50
C LYS A 13 -2.82 2.76 2.50
N PRO A 14 -3.31 3.33 1.41
CA PRO A 14 -2.45 3.94 0.39
C PRO A 14 -1.89 5.27 0.88
N TRP A 15 -2.18 5.65 2.10
CA TRP A 15 -1.65 6.95 2.62
C TRP A 15 -0.40 6.68 3.45
N LEU A 16 -0.31 5.53 4.03
CA LEU A 16 0.89 5.21 4.88
C LEU A 16 2.09 4.90 3.99
N VAL A 17 1.93 4.98 2.70
CA VAL A 17 3.09 4.69 1.82
C VAL A 17 4.23 5.65 2.14
N GLY A 18 3.95 6.68 2.89
CA GLY A 18 5.02 7.66 3.23
C GLY A 18 6.14 6.98 4.01
N TRP A 19 5.85 6.36 5.14
CA TRP A 19 6.96 5.71 5.87
C TRP A 19 7.25 4.32 5.28
N TRP A 20 6.73 4.06 4.11
CA TRP A 20 7.02 2.76 3.45
C TRP A 20 8.32 2.91 2.67
N ASP A 21 8.57 4.10 2.18
CA ASP A 21 9.81 4.35 1.41
C ASP A 21 11.03 3.99 2.27
N GLN A 22 11.12 4.53 3.46
CA GLN A 22 12.28 4.21 4.33
C GLN A 22 12.26 2.72 4.71
N PHE A 23 11.19 2.04 4.41
CA PHE A 23 11.11 0.59 4.76
C PHE A 23 11.84 -0.25 3.71
N LYS A 24 12.16 0.30 2.57
CA LYS A 24 12.86 -0.52 1.54
C LYS A 24 14.06 -1.23 2.16
N ARG A 25 14.54 -0.73 3.26
CA ARG A 25 15.71 -1.37 3.91
C ARG A 25 15.30 -1.91 5.28
N MET A 1 -9.92 2.13 -16.61
CA MET A 1 -8.64 1.36 -16.61
C MET A 1 -8.95 -0.14 -16.51
N PRO A 2 -8.03 -0.93 -16.98
CA PRO A 2 -8.15 -2.40 -16.96
C PRO A 2 -7.85 -2.95 -15.57
N LEU A 3 -6.61 -3.26 -15.30
CA LEU A 3 -6.25 -3.80 -13.96
C LEU A 3 -6.03 -2.64 -12.98
N VAL A 4 -5.58 -1.52 -13.48
CA VAL A 4 -5.35 -0.35 -12.57
C VAL A 4 -6.67 0.09 -11.95
N ASP A 5 -7.77 -0.18 -12.59
CA ASP A 5 -9.08 0.22 -12.02
C ASP A 5 -9.34 -0.57 -10.74
N PHE A 6 -9.04 -1.84 -10.73
CA PHE A 6 -9.26 -2.66 -9.52
C PHE A 6 -8.26 -2.25 -8.43
N PHE A 7 -7.05 -1.98 -8.81
CA PHE A 7 -6.01 -1.59 -7.81
C PHE A 7 -6.58 -0.48 -6.91
N CYS A 8 -7.08 0.57 -7.49
CA CYS A 8 -7.63 1.69 -6.66
C CYS A 8 -9.01 1.30 -6.13
N GLU A 9 -9.64 0.32 -6.71
CA GLU A 9 -10.99 -0.08 -6.19
C GLU A 9 -10.80 -1.03 -5.01
N THR A 10 -9.59 -1.21 -4.55
CA THR A 10 -9.36 -2.11 -3.40
C THR A 10 -8.17 -1.62 -2.57
N CYS A 11 -8.13 -0.34 -2.28
CA CYS A 11 -6.99 0.18 -1.45
C CYS A 11 -7.46 0.33 -0.01
N SER A 12 -6.57 0.12 0.93
CA SER A 12 -6.97 0.23 2.37
C SER A 12 -5.92 1.04 3.15
N LYS A 13 -4.85 1.43 2.51
CA LYS A 13 -3.81 2.23 3.22
C LYS A 13 -2.83 2.85 2.22
N PRO A 14 -3.36 3.59 1.28
CA PRO A 14 -2.57 4.27 0.25
C PRO A 14 -1.84 5.48 0.86
N TRP A 15 -2.01 5.70 2.13
CA TRP A 15 -1.32 6.85 2.79
C TRP A 15 -0.11 6.32 3.54
N LEU A 16 -0.21 5.13 4.08
CA LEU A 16 0.94 4.55 4.83
C LEU A 16 2.14 4.40 3.92
N VAL A 17 1.94 4.51 2.64
CA VAL A 17 3.07 4.36 1.69
C VAL A 17 4.15 5.39 2.02
N GLY A 18 3.82 6.38 2.82
CA GLY A 18 4.82 7.42 3.16
C GLY A 18 5.97 6.80 3.95
N TRP A 19 5.70 6.13 5.03
CA TRP A 19 6.84 5.53 5.78
C TRP A 19 7.22 4.18 5.18
N TRP A 20 6.72 3.90 4.00
CA TRP A 20 7.08 2.62 3.32
C TRP A 20 8.38 2.86 2.58
N ASP A 21 8.55 4.05 2.06
CA ASP A 21 9.81 4.37 1.32
C ASP A 21 11.00 4.10 2.23
N GLN A 22 11.04 4.71 3.38
CA GLN A 22 12.17 4.48 4.31
C GLN A 22 12.03 3.09 4.94
N PHE A 23 10.96 2.40 4.64
CA PHE A 23 10.75 1.05 5.22
C PHE A 23 11.46 0.00 4.35
N LYS A 24 11.94 0.39 3.20
CA LYS A 24 12.61 -0.61 2.33
C LYS A 24 13.74 -1.30 3.08
N ARG A 25 14.15 -0.75 4.19
CA ARG A 25 15.24 -1.38 4.98
C ARG A 25 14.68 -1.85 6.32
N MET A 1 -1.96 -13.56 -11.06
CA MET A 1 -2.62 -12.50 -11.88
C MET A 1 -1.82 -11.19 -11.78
N PRO A 2 -1.96 -10.37 -12.78
CA PRO A 2 -1.26 -9.07 -12.85
C PRO A 2 -1.96 -8.03 -11.96
N LEU A 3 -3.26 -8.06 -11.91
CA LEU A 3 -4.00 -7.08 -11.08
C LEU A 3 -3.61 -7.27 -9.61
N VAL A 4 -3.45 -8.49 -9.19
CA VAL A 4 -3.06 -8.75 -7.78
C VAL A 4 -1.76 -8.01 -7.47
N ASP A 5 -0.98 -7.72 -8.47
CA ASP A 5 0.30 -6.99 -8.23
C ASP A 5 -0.01 -5.57 -7.74
N PHE A 6 -1.01 -4.95 -8.30
CA PHE A 6 -1.36 -3.57 -7.86
C PHE A 6 -2.10 -3.63 -6.53
N PHE A 7 -2.74 -4.72 -6.25
CA PHE A 7 -3.49 -4.84 -4.95
C PHE A 7 -2.51 -4.70 -3.79
N CYS A 8 -1.54 -5.56 -3.71
CA CYS A 8 -0.55 -5.47 -2.59
C CYS A 8 0.23 -4.16 -2.71
N GLU A 9 0.24 -3.57 -3.87
CA GLU A 9 0.97 -2.28 -4.04
C GLU A 9 0.24 -1.17 -3.29
N THR A 10 -1.07 -1.25 -3.21
CA THR A 10 -1.83 -0.20 -2.49
C THR A 10 -3.06 -0.84 -1.83
N CYS A 11 -2.85 -1.62 -0.81
CA CYS A 11 -3.99 -2.27 -0.11
C CYS A 11 -4.72 -1.24 0.76
N SER A 12 -4.70 -1.40 2.06
CA SER A 12 -5.39 -0.43 2.95
C SER A 12 -4.38 0.58 3.47
N LYS A 13 -3.23 0.67 2.86
CA LYS A 13 -2.21 1.65 3.32
C LYS A 13 -1.71 2.50 2.16
N PRO A 14 -2.62 3.12 1.45
CA PRO A 14 -2.25 3.97 0.31
C PRO A 14 -1.75 5.32 0.85
N TRP A 15 -2.07 5.63 2.07
CA TRP A 15 -1.62 6.91 2.66
C TRP A 15 -0.38 6.65 3.52
N LEU A 16 -0.27 5.46 4.06
CA LEU A 16 0.91 5.12 4.90
C LEU A 16 2.13 4.92 4.02
N VAL A 17 1.96 4.97 2.73
CA VAL A 17 3.12 4.77 1.83
C VAL A 17 4.26 5.71 2.21
N GLY A 18 3.97 6.72 2.98
CA GLY A 18 5.03 7.69 3.38
C GLY A 18 6.20 6.97 4.04
N TRP A 19 6.01 6.39 5.20
CA TRP A 19 7.17 5.70 5.84
C TRP A 19 7.47 4.38 5.12
N TRP A 20 6.75 4.08 4.07
CA TRP A 20 7.04 2.82 3.33
C TRP A 20 8.34 3.04 2.55
N ASP A 21 8.56 4.25 2.11
CA ASP A 21 9.79 4.55 1.34
C ASP A 21 11.02 4.15 2.17
N GLN A 22 10.95 4.33 3.46
CA GLN A 22 12.11 3.95 4.32
C GLN A 22 11.91 2.52 4.82
N PHE A 23 10.75 1.96 4.60
CA PHE A 23 10.49 0.56 5.05
C PHE A 23 10.99 -0.46 4.02
N LYS A 24 11.11 -0.07 2.78
CA LYS A 24 11.56 -1.06 1.75
C LYS A 24 12.73 -1.87 2.29
N ARG A 25 13.46 -1.32 3.21
CA ARG A 25 14.62 -2.07 3.79
C ARG A 25 14.38 -2.27 5.28
#